data_6B09
#
_entry.id   6B09
#
_cell.length_a   113.395
_cell.length_b   47.063
_cell.length_c   75.792
_cell.angle_alpha   90.000
_cell.angle_beta   108.740
_cell.angle_gamma   90.000
#
_symmetry.space_group_name_H-M   'C 1 2 1'
#
loop_
_entity.id
_entity.type
_entity.pdbx_description
1 polymer 'U8 snoRNA-decapping enzyme'
2 non-polymer '[(2~{R},3~{S},4~{S},5~{S})-5-(6-aminopurin-9-yl)-4-[(2~{S},3~{S},4~{S},5~{S})-5-[[[[(2~{R},3~{R},4~{S},5~{S})-5-(6-aminopurin-9-yl)-3,4-bis(oxidanyl)oxolan-2-yl]methoxy-oxidanyl-phosphoryl]oxy-oxidanyl-phosphoryl]oxymethyl]-3,4-bis(oxidanyl)oxolan-2-yl]oxy-3-oxidanyl-oxolan-2-yl]methyl phosphono hydrogen phosphate'
3 non-polymer 'MAGNESIUM ION'
4 non-polymer 'CHLORIDE ION'
5 non-polymer 'SODIUM ION'
6 water water
#
_entity_poly.entity_id   1
_entity_poly.type   'polypeptide(L)'
_entity_poly.pdbx_seq_one_letter_code
;MAGARRLELGEALALGSGWRHVCHALLYAPDPGMLFGRIPLRYAILMQMRFDGRLGFPGGFVDTQDRSLEDGLNRELREE
LGEAAAAFRVERTDYRSSHVGSGPRVVAHFYAKRLTLEELLAVEAGATRAKDHGLEVLGLVRVPLYTLRDGVGGLPTFLE
NSFIGSAREQLLEALQDLGLLQSGSISGLKIPAHH
;
_entity_poly.pdbx_strand_id   A,B
#
loop_
_chem_comp.id
_chem_comp.type
_chem_comp.name
_chem_comp.formula
C7G non-polymer '[(2~{R},3~{S},4~{S},5~{S})-5-(6-aminopurin-9-yl)-4-[(2~{S},3~{S},4~{S},5~{S})-5-[[[[(2~{R},3~{R},4~{S},5~{S})-5-(6-aminopurin-9-yl)-3,4-bis(oxidanyl)oxolan-2-yl]methoxy-oxidanyl-phosphoryl]oxy-oxidanyl-phosphoryl]oxymethyl]-3,4-bis(oxidanyl)oxolan-2-yl]oxy-3-oxidanyl-oxolan-2-yl]methyl phosphono hydrogen phosphate' 'C25 H36 N10 O23 P4'
CL non-polymer 'CHLORIDE ION' 'Cl -1'
MG non-polymer 'MAGNESIUM ION' 'Mg 2'
NA non-polymer 'SODIUM ION' 'Na 1'
#
# COMPACT_ATOMS: atom_id res chain seq x y z
N GLY A 3 -3.61 -24.77 -4.96
CA GLY A 3 -2.77 -24.26 -3.85
C GLY A 3 -2.90 -25.15 -2.63
N ALA A 4 -2.48 -24.64 -1.48
CA ALA A 4 -2.51 -25.38 -0.19
C ALA A 4 -3.90 -25.95 0.07
N ARG A 5 -3.97 -27.20 0.55
CA ARG A 5 -5.23 -27.95 0.77
C ARG A 5 -6.19 -27.16 1.68
N ARG A 6 -7.49 -27.22 1.39
CA ARG A 6 -8.55 -26.58 2.19
C ARG A 6 -9.05 -27.58 3.24
N LEU A 7 -8.99 -27.20 4.52
CA LEU A 7 -9.32 -28.07 5.67
C LEU A 7 -10.61 -27.62 6.35
N GLU A 8 -11.12 -28.44 7.28
CA GLU A 8 -12.17 -27.96 8.19
C GLU A 8 -11.49 -27.27 9.38
N LEU A 9 -12.29 -26.62 10.18
CA LEU A 9 -11.75 -25.92 11.36
C LEU A 9 -11.20 -26.98 12.31
N GLY A 10 -12.09 -27.81 12.86
CA GLY A 10 -11.76 -28.82 13.87
C GLY A 10 -10.70 -29.80 13.36
N GLU A 11 -10.83 -30.15 12.08
CA GLU A 11 -9.88 -31.06 11.39
C GLU A 11 -8.49 -30.48 11.50
N ALA A 12 -8.37 -29.18 11.27
CA ALA A 12 -7.08 -28.46 11.38
C ALA A 12 -6.70 -28.21 12.85
N LEU A 13 -7.68 -27.77 13.63
CA LEU A 13 -7.57 -27.63 15.11
C LEU A 13 -7.07 -28.90 15.78
N ALA A 14 -7.31 -30.04 15.16
CA ALA A 14 -6.85 -31.36 15.64
C ALA A 14 -5.33 -31.49 15.75
N LEU A 15 -4.57 -30.85 14.87
CA LEU A 15 -3.12 -31.18 14.72
C LEU A 15 -2.26 -30.48 15.79
N GLY A 16 -1.60 -31.25 16.66
CA GLY A 16 -0.86 -30.73 17.84
C GLY A 16 0.64 -30.77 17.67
N TRP A 19 1.90 -27.87 15.85
CA TRP A 19 1.50 -27.04 14.67
C TRP A 19 1.51 -25.54 15.01
N ARG A 20 1.67 -24.76 13.97
CA ARG A 20 1.69 -23.29 14.05
C ARG A 20 0.39 -22.81 13.45
N HIS A 21 -0.43 -22.10 14.22
CA HIS A 21 -1.75 -21.59 13.77
C HIS A 21 -1.68 -20.08 13.53
N VAL A 22 -2.06 -19.64 12.34
CA VAL A 22 -1.99 -18.20 11.94
C VAL A 22 -3.35 -17.73 11.37
N CYS A 23 -3.88 -16.65 11.93
CA CYS A 23 -5.20 -16.07 11.57
C CYS A 23 -5.01 -14.68 10.92
N HIS A 24 -5.68 -14.45 9.80
CA HIS A 24 -5.76 -13.11 9.21
C HIS A 24 -7.20 -12.78 8.83
N ALA A 25 -7.47 -11.49 8.67
CA ALA A 25 -8.86 -10.97 8.58
C ALA A 25 -9.02 -9.88 7.52
N LEU A 26 -10.10 -9.98 6.74
CA LEU A 26 -10.50 -8.92 5.78
C LEU A 26 -11.58 -8.06 6.42
N LEU A 27 -11.23 -6.84 6.76
CA LEU A 27 -12.19 -5.82 7.24
C LEU A 27 -12.71 -5.15 5.97
N TYR A 28 -14.00 -5.19 5.77
CA TYR A 28 -14.63 -4.41 4.69
C TYR A 28 -15.72 -3.53 5.27
N ALA A 29 -16.16 -2.56 4.47
CA ALA A 29 -17.30 -1.70 4.81
C ALA A 29 -17.88 -1.13 3.53
N PRO A 30 -19.21 -0.91 3.50
CA PRO A 30 -19.90 -0.50 2.27
C PRO A 30 -19.62 0.96 1.92
N ASP A 31 -19.60 1.24 0.61
CA ASP A 31 -19.02 2.52 0.10
C ASP A 31 -19.87 3.21 -0.96
N PRO A 32 -20.66 4.21 -0.54
CA PRO A 32 -21.48 4.95 -1.48
C PRO A 32 -20.71 5.95 -2.37
N GLY A 33 -19.42 6.17 -2.13
CA GLY A 33 -18.61 7.05 -2.98
C GLY A 33 -18.47 6.50 -4.40
N MET A 34 -18.14 7.39 -5.32
CA MET A 34 -17.84 6.96 -6.69
C MET A 34 -16.52 7.59 -7.16
N LEU A 35 -15.72 6.81 -7.89
CA LEU A 35 -14.47 7.30 -8.52
C LEU A 35 -14.83 8.05 -9.80
N PHE A 36 -14.28 9.26 -9.95
CA PHE A 36 -14.56 10.23 -11.05
C PHE A 36 -16.03 10.69 -11.03
N GLY A 37 -16.82 10.33 -10.03
CA GLY A 37 -18.28 10.41 -10.10
C GLY A 37 -18.91 9.19 -10.75
N ARG A 38 -18.34 8.71 -11.86
CA ARG A 38 -18.94 7.63 -12.69
C ARG A 38 -18.82 6.27 -11.99
N ILE A 39 -17.64 5.95 -11.47
CA ILE A 39 -17.26 4.56 -11.15
C ILE A 39 -17.81 4.16 -9.79
N PRO A 40 -18.47 2.99 -9.65
CA PRO A 40 -18.95 2.58 -8.34
C PRO A 40 -17.78 2.00 -7.53
N LEU A 41 -17.64 2.51 -6.31
CA LEU A 41 -16.65 1.95 -5.38
C LEU A 41 -17.24 0.73 -4.66
N ARG A 42 -18.56 0.71 -4.46
CA ARG A 42 -19.28 -0.43 -3.80
C ARG A 42 -18.88 -0.69 -2.33
N TYR A 43 -17.64 -1.07 -2.11
CA TYR A 43 -17.14 -1.40 -0.76
C TYR A 43 -15.72 -0.86 -0.62
N ALA A 44 -15.30 -0.60 0.62
CA ALA A 44 -13.91 -0.23 0.96
C ALA A 44 -13.26 -1.38 1.72
N ILE A 45 -12.24 -2.00 1.13
CA ILE A 45 -11.65 -3.27 1.65
C ILE A 45 -10.19 -3.03 2.04
N LEU A 46 -9.85 -3.33 3.29
CA LEU A 46 -8.51 -3.04 3.87
C LEU A 46 -7.57 -4.26 3.85
N MET A 47 -6.55 -4.15 3.02
CA MET A 47 -5.39 -5.02 3.02
C MET A 47 -4.21 -4.22 3.58
N GLN A 48 -3.00 -4.73 3.38
CA GLN A 48 -1.79 -3.99 3.79
C GLN A 48 -0.58 -4.52 3.05
N MET A 49 0.37 -3.61 2.79
CA MET A 49 1.73 -3.94 2.32
C MET A 49 2.53 -4.37 3.54
N ARG A 50 3.06 -5.58 3.47
CA ARG A 50 3.82 -6.22 4.57
C ARG A 50 5.31 -5.96 4.39
N PHE A 51 6.08 -6.27 5.41
CA PHE A 51 7.56 -6.27 5.35
C PHE A 51 8.11 -7.18 4.22
N ASP A 52 7.37 -8.21 3.79
CA ASP A 52 7.75 -9.09 2.65
C ASP A 52 7.90 -8.37 1.33
N GLY A 53 7.16 -7.28 1.15
CA GLY A 53 6.99 -6.69 -0.19
C GLY A 53 5.80 -7.31 -0.87
N ARG A 54 4.88 -7.87 -0.08
CA ARG A 54 3.69 -8.56 -0.58
C ARG A 54 2.47 -7.95 0.05
N LEU A 55 1.37 -8.06 -0.67
CA LEU A 55 0.06 -7.59 -0.19
C LEU A 55 -0.57 -8.69 0.65
N GLY A 56 -1.37 -8.29 1.61
CA GLY A 56 -2.01 -9.27 2.49
C GLY A 56 -2.90 -8.65 3.52
N PHE A 57 -3.53 -9.54 4.29
CA PHE A 57 -4.50 -9.16 5.34
C PHE A 57 -3.85 -9.10 6.73
N PRO A 58 -4.37 -8.21 7.60
CA PRO A 58 -3.80 -8.05 8.94
C PRO A 58 -4.09 -9.20 9.91
N GLY A 59 -3.27 -9.26 10.94
CA GLY A 59 -3.29 -10.34 11.94
C GLY A 59 -1.95 -11.01 11.94
N GLY A 60 -1.90 -12.21 12.51
CA GLY A 60 -0.65 -12.96 12.57
C GLY A 60 -0.74 -14.23 13.41
N PHE A 61 0.42 -14.77 13.79
CA PHE A 61 0.56 -16.05 14.53
C PHE A 61 -0.28 -16.12 15.81
N VAL A 62 -0.75 -17.33 16.09
CA VAL A 62 -1.49 -17.68 17.34
C VAL A 62 -0.48 -18.37 18.25
N ASP A 63 -0.39 -17.99 19.52
CA ASP A 63 0.63 -18.57 20.42
C ASP A 63 -0.04 -19.28 21.60
N THR A 64 0.75 -19.58 22.64
CA THR A 64 0.27 -20.33 23.83
C THR A 64 -0.43 -19.42 24.84
N GLN A 65 -0.27 -18.10 24.69
CA GLN A 65 -0.91 -17.13 25.63
C GLN A 65 -2.25 -16.66 25.05
N ASP A 66 -2.66 -17.25 23.93
CA ASP A 66 -3.95 -16.91 23.28
C ASP A 66 -5.02 -17.86 23.80
N ARG A 67 -5.99 -17.33 24.56
CA ARG A 67 -7.09 -18.15 25.13
C ARG A 67 -7.85 -18.81 23.99
N SER A 68 -8.13 -18.07 22.92
CA SER A 68 -8.81 -18.63 21.73
C SER A 68 -8.20 -18.02 20.46
N LEU A 69 -8.32 -18.72 19.33
CA LEU A 69 -7.85 -18.23 18.00
C LEU A 69 -8.20 -16.74 17.85
N GLU A 70 -9.40 -16.37 18.27
CA GLU A 70 -9.90 -14.99 18.13
C GLU A 70 -9.03 -14.04 18.94
N ASP A 71 -8.74 -14.38 20.19
CA ASP A 71 -7.90 -13.56 21.11
C ASP A 71 -6.61 -13.15 20.39
N GLY A 72 -5.92 -14.10 19.77
CA GLY A 72 -4.68 -13.82 19.02
C GLY A 72 -4.95 -12.98 17.79
N LEU A 73 -6.02 -13.28 17.07
CA LEU A 73 -6.36 -12.49 15.86
C LEU A 73 -6.61 -11.04 16.24
N ASN A 74 -7.46 -10.84 17.24
CA ASN A 74 -7.78 -9.50 17.76
C ASN A 74 -6.56 -8.84 18.39
N ARG A 75 -5.61 -9.64 18.85
CA ARG A 75 -4.35 -9.10 19.41
C ARG A 75 -3.48 -8.60 18.26
N GLU A 76 -3.25 -9.47 17.28
CA GLU A 76 -2.39 -9.19 16.10
C GLU A 76 -2.96 -8.07 15.23
N LEU A 77 -4.27 -7.87 15.24
CA LEU A 77 -4.85 -6.66 14.61
C LEU A 77 -4.48 -5.37 15.37
N ARG A 78 -4.58 -5.36 16.69
CA ARG A 78 -4.27 -4.14 17.50
C ARG A 78 -2.80 -3.75 17.34
N GLU A 79 -1.90 -4.73 17.36
CA GLU A 79 -0.45 -4.54 17.08
C GLU A 79 -0.26 -3.83 15.74
N GLU A 80 -0.95 -4.31 14.72
CA GLU A 80 -0.70 -3.86 13.34
C GLU A 80 -1.46 -2.60 12.97
N LEU A 81 -2.56 -2.30 13.66
CA LEU A 81 -3.40 -1.12 13.29
C LEU A 81 -3.53 -0.04 14.41
N GLY A 82 -3.17 -0.35 15.64
CA GLY A 82 -3.37 0.57 16.79
C GLY A 82 -4.73 0.35 17.42
N GLU A 83 -5.29 1.40 18.05
CA GLU A 83 -6.49 1.29 18.93
C GLU A 83 -7.82 1.62 18.24
N ALA A 84 -7.79 1.95 16.96
CA ALA A 84 -9.01 1.93 16.13
C ALA A 84 -9.61 0.52 16.07
N ALA A 85 -8.79 -0.51 16.16
CA ALA A 85 -9.25 -1.93 16.14
C ALA A 85 -10.05 -2.30 17.38
N ALA A 86 -9.73 -1.69 18.51
CA ALA A 86 -10.45 -1.93 19.80
C ALA A 86 -11.95 -1.56 19.74
N ALA A 87 -12.42 -0.96 18.65
CA ALA A 87 -13.86 -0.67 18.43
C ALA A 87 -14.68 -1.88 17.95
N PHE A 88 -14.02 -3.00 17.69
CA PHE A 88 -14.73 -4.23 17.31
C PHE A 88 -13.96 -5.46 17.73
N ARG A 89 -14.55 -6.62 17.46
CA ARG A 89 -13.98 -7.96 17.70
C ARG A 89 -14.36 -8.91 16.55
N VAL A 90 -13.41 -9.60 15.94
CA VAL A 90 -13.70 -10.53 14.80
C VAL A 90 -14.06 -11.93 15.38
N GLU A 91 -15.33 -12.35 15.29
CA GLU A 91 -15.91 -13.32 16.28
C GLU A 91 -16.11 -14.79 15.86
N ARG A 92 -15.42 -15.34 14.87
CA ARG A 92 -15.62 -16.77 14.45
C ARG A 92 -16.95 -16.96 13.73
N THR A 93 -17.93 -16.20 14.13
CA THR A 93 -19.11 -15.96 13.29
C THR A 93 -18.61 -15.46 11.93
N ASP A 94 -17.48 -14.75 11.96
CA ASP A 94 -16.81 -14.17 10.77
C ASP A 94 -15.85 -15.13 10.05
N TYR A 95 -15.48 -16.23 10.69
CA TYR A 95 -14.58 -17.26 10.14
C TYR A 95 -15.07 -17.70 8.78
N ARG A 96 -14.19 -17.77 7.79
CA ARG A 96 -14.57 -18.17 6.40
C ARG A 96 -13.90 -19.49 6.01
N SER A 97 -12.57 -19.57 5.96
CA SER A 97 -11.91 -20.81 5.49
C SER A 97 -10.52 -21.01 6.09
N SER A 98 -10.00 -22.24 6.04
CA SER A 98 -8.64 -22.60 6.51
C SER A 98 -7.84 -23.21 5.36
N HIS A 99 -6.52 -22.99 5.34
CA HIS A 99 -5.58 -23.50 4.30
C HIS A 99 -4.24 -23.89 4.94
N VAL A 100 -3.62 -24.95 4.44
CA VAL A 100 -2.33 -25.45 5.03
C VAL A 100 -1.14 -24.64 4.47
N GLY A 101 -0.64 -23.71 5.28
CA GLY A 101 0.47 -22.81 4.88
C GLY A 101 1.83 -23.47 4.69
N SER A 102 2.68 -22.83 3.89
CA SER A 102 4.00 -23.33 3.45
C SER A 102 5.01 -23.41 4.61
N GLY A 103 4.63 -23.01 5.81
CA GLY A 103 5.58 -23.03 6.94
C GLY A 103 5.63 -24.42 7.57
N PRO A 104 6.59 -24.69 8.49
CA PRO A 104 6.69 -25.99 9.14
C PRO A 104 5.46 -26.16 10.04
N ARG A 105 4.51 -27.01 9.63
CA ARG A 105 3.23 -27.23 10.35
C ARG A 105 2.56 -25.87 10.55
N VAL A 106 2.10 -25.24 9.48
CA VAL A 106 1.48 -23.89 9.56
C VAL A 106 0.10 -23.88 8.92
N VAL A 107 -0.96 -23.86 9.72
CA VAL A 107 -2.34 -23.74 9.16
C VAL A 107 -2.65 -22.26 9.10
N ALA A 108 -3.48 -21.83 8.15
CA ALA A 108 -3.82 -20.39 8.04
C ALA A 108 -5.33 -20.25 8.15
N HIS A 109 -5.80 -19.35 9.01
CA HIS A 109 -7.25 -19.10 9.20
C HIS A 109 -7.63 -17.76 8.58
N PHE A 110 -8.66 -17.75 7.74
CA PHE A 110 -9.13 -16.50 7.10
C PHE A 110 -10.44 -16.05 7.71
N TYR A 111 -10.51 -14.79 8.12
CA TYR A 111 -11.75 -14.18 8.63
C TYR A 111 -12.16 -13.08 7.66
N ALA A 112 -13.42 -12.70 7.75
CA ALA A 112 -13.91 -11.47 7.08
C ALA A 112 -14.93 -10.76 7.96
N LYS A 113 -14.65 -9.52 8.34
CA LYS A 113 -15.51 -8.75 9.22
C LYS A 113 -16.27 -7.69 8.43
N ARG A 114 -17.56 -7.58 8.65
CA ARG A 114 -18.29 -6.42 8.17
C ARG A 114 -18.22 -5.36 9.28
N LEU A 115 -17.37 -4.34 9.07
CA LEU A 115 -17.46 -3.05 9.80
C LEU A 115 -18.36 -2.08 9.04
N THR A 116 -18.67 -0.98 9.70
CA THR A 116 -19.30 0.17 9.04
C THR A 116 -18.21 1.04 8.45
N LEU A 117 -18.57 1.85 7.47
CA LEU A 117 -17.63 2.77 6.79
C LEU A 117 -17.01 3.72 7.80
N GLU A 118 -17.81 4.16 8.79
CA GLU A 118 -17.36 5.11 9.82
C GLU A 118 -16.31 4.48 10.76
N GLU A 119 -16.42 3.21 11.11
CA GLU A 119 -15.35 2.49 11.87
C GLU A 119 -14.08 2.32 11.02
N LEU A 120 -14.23 1.94 9.75
CA LEU A 120 -13.13 1.58 8.81
C LEU A 120 -12.18 2.75 8.60
N LEU A 121 -12.72 3.95 8.40
CA LEU A 121 -11.90 5.18 8.18
C LEU A 121 -10.95 5.37 9.34
N ALA A 122 -11.48 5.35 10.57
CA ALA A 122 -10.71 5.54 11.82
C ALA A 122 -9.63 4.48 12.01
N VAL A 123 -9.76 3.31 11.38
CA VAL A 123 -8.65 2.33 11.34
C VAL A 123 -7.52 2.95 10.53
N GLU A 124 -7.82 3.34 9.30
CA GLU A 124 -6.82 3.96 8.40
C GLU A 124 -6.18 5.11 9.16
N ALA A 125 -7.00 5.96 9.76
CA ALA A 125 -6.53 7.18 10.45
C ALA A 125 -5.61 6.85 11.65
N GLY A 126 -5.89 5.79 12.41
CA GLY A 126 -5.05 5.39 13.55
C GLY A 126 -3.85 4.54 13.15
N ALA A 127 -3.58 4.34 11.86
CA ALA A 127 -2.63 3.31 11.38
C ALA A 127 -1.18 3.74 11.55
N THR A 128 -0.92 5.04 11.40
CA THR A 128 0.44 5.61 11.67
C THR A 128 0.84 5.50 13.15
N ARG A 129 -0.14 5.50 14.06
CA ARG A 129 0.12 5.41 15.52
C ARG A 129 0.24 3.96 15.96
N ALA A 130 0.10 3.00 15.04
CA ALA A 130 0.18 1.55 15.34
C ALA A 130 1.56 1.19 15.90
N LYS A 131 1.61 0.10 16.66
CA LYS A 131 2.86 -0.40 17.26
C LYS A 131 3.85 -0.95 16.23
N ASP A 132 3.36 -1.67 15.23
CA ASP A 132 4.21 -2.22 14.15
C ASP A 132 4.31 -1.29 12.93
N HIS A 133 3.87 -0.04 13.02
CA HIS A 133 3.92 0.84 11.83
C HIS A 133 5.37 1.12 11.42
N GLY A 134 5.63 0.99 10.13
CA GLY A 134 6.97 1.14 9.58
C GLY A 134 7.88 -0.01 9.97
N LEU A 135 7.30 -1.11 10.45
CA LEU A 135 8.08 -2.27 10.95
C LEU A 135 7.56 -3.55 10.27
N GLU A 136 6.61 -4.29 10.86
CA GLU A 136 5.94 -5.43 10.18
C GLU A 136 5.00 -4.86 9.12
N VAL A 137 4.27 -3.85 9.56
CA VAL A 137 3.31 -3.13 8.71
C VAL A 137 4.04 -1.93 8.10
N LEU A 138 4.08 -1.90 6.76
CA LEU A 138 4.67 -0.77 6.01
C LEU A 138 3.58 0.22 5.59
N GLY A 139 2.41 -0.24 5.20
CA GLY A 139 1.37 0.71 4.77
C GLY A 139 0.07 0.05 4.42
N LEU A 140 -1.05 0.63 4.85
CA LEU A 140 -2.38 0.10 4.51
C LEU A 140 -2.78 0.66 3.16
N VAL A 141 -3.47 -0.20 2.42
CA VAL A 141 -3.99 0.05 1.06
C VAL A 141 -5.44 -0.44 1.03
N ARG A 142 -6.22 0.13 0.12
CA ARG A 142 -7.56 -0.38 -0.24
C ARG A 142 -7.50 -1.21 -1.52
N VAL A 143 -8.56 -1.96 -1.73
CA VAL A 143 -8.72 -2.85 -2.90
C VAL A 143 -9.66 -2.20 -3.91
N PRO A 144 -9.21 -2.10 -5.18
CA PRO A 144 -10.07 -1.56 -6.23
C PRO A 144 -10.98 -2.67 -6.76
N LEU A 145 -12.27 -2.36 -6.90
CA LEU A 145 -13.29 -3.37 -7.26
C LEU A 145 -13.82 -3.10 -8.66
N TYR A 146 -14.13 -1.86 -8.91
CA TYR A 146 -14.27 -1.35 -10.27
C TYR A 146 -13.10 -1.83 -11.12
N THR A 147 -13.40 -2.11 -12.37
CA THR A 147 -12.36 -2.44 -13.37
C THR A 147 -12.89 -1.87 -14.65
N LEU A 148 -12.38 -0.74 -15.13
CA LEU A 148 -13.06 -0.19 -16.32
C LEU A 148 -12.19 0.57 -17.31
N ARG A 149 -12.76 0.72 -18.51
CA ARG A 149 -12.16 1.44 -19.65
C ARG A 149 -11.18 0.54 -20.35
N ASP A 150 -10.00 0.47 -19.76
CA ASP A 150 -8.90 -0.35 -20.27
C ASP A 150 -9.38 -1.79 -20.43
N GLY A 151 -10.29 -2.22 -19.55
CA GLY A 151 -10.70 -3.63 -19.47
C GLY A 151 -9.69 -4.45 -18.71
N VAL A 152 -8.56 -3.85 -18.33
CA VAL A 152 -7.50 -4.52 -17.53
C VAL A 152 -7.23 -3.71 -16.26
N GLY A 153 -7.11 -2.39 -16.35
CA GLY A 153 -6.93 -1.51 -15.18
C GLY A 153 -7.99 -1.72 -14.10
N GLY A 154 -7.62 -1.49 -12.85
CA GLY A 154 -8.48 -1.64 -11.66
C GLY A 154 -8.15 -2.91 -10.91
N LEU A 155 -9.17 -3.62 -10.47
CA LEU A 155 -9.00 -4.89 -9.74
C LEU A 155 -8.09 -5.90 -10.44
N PRO A 156 -8.21 -6.12 -11.78
CA PRO A 156 -7.44 -7.18 -12.40
C PRO A 156 -5.94 -6.91 -12.30
N THR A 157 -5.56 -5.67 -12.61
CA THR A 157 -4.17 -5.17 -12.44
C THR A 157 -3.72 -5.31 -10.98
N PHE A 158 -4.60 -4.95 -10.05
CA PHE A 158 -4.32 -5.07 -8.60
C PHE A 158 -3.91 -6.50 -8.25
N LEU A 159 -4.59 -7.48 -8.83
CA LEU A 159 -4.33 -8.91 -8.53
C LEU A 159 -3.12 -9.47 -9.28
N GLU A 160 -2.45 -8.66 -10.09
CA GLU A 160 -1.14 -9.02 -10.72
C GLU A 160 0.00 -8.80 -9.72
N ASN A 161 -0.24 -7.95 -8.74
CA ASN A 161 0.74 -7.72 -7.65
C ASN A 161 0.99 -8.98 -6.84
N SER A 162 2.01 -8.95 -6.00
CA SER A 162 2.35 -10.11 -5.14
C SER A 162 1.44 -10.15 -3.93
N PHE A 163 1.05 -11.35 -3.55
CA PHE A 163 0.15 -11.60 -2.40
C PHE A 163 0.71 -12.71 -1.52
N ILE A 164 0.66 -12.48 -0.22
CA ILE A 164 1.24 -13.42 0.80
C ILE A 164 0.42 -14.71 0.83
N GLY A 165 1.13 -15.84 0.72
CA GLY A 165 0.55 -17.18 0.85
C GLY A 165 -0.68 -17.41 -0.02
N SER A 166 -1.82 -17.01 0.50
CA SER A 166 -3.12 -17.38 -0.06
C SER A 166 -4.10 -16.21 0.01
N ALA A 167 -3.57 -15.00 -0.02
CA ALA A 167 -4.36 -13.76 0.19
C ALA A 167 -5.15 -13.43 -1.06
N ARG A 168 -4.51 -13.56 -2.22
CA ARG A 168 -5.18 -13.37 -3.52
C ARG A 168 -6.44 -14.23 -3.52
N GLU A 169 -6.25 -15.52 -3.23
CA GLU A 169 -7.35 -16.51 -3.37
C GLU A 169 -8.41 -16.32 -2.29
N GLN A 170 -7.96 -16.03 -1.07
CA GLN A 170 -8.86 -15.59 0.02
C GLN A 170 -9.69 -14.37 -0.42
N LEU A 171 -9.03 -13.38 -1.02
CA LEU A 171 -9.68 -12.13 -1.50
C LEU A 171 -10.73 -12.42 -2.57
N LEU A 172 -10.40 -13.27 -3.55
CA LEU A 172 -11.33 -13.61 -4.66
C LEU A 172 -12.59 -14.25 -4.11
N GLU A 173 -12.42 -15.24 -3.23
CA GLU A 173 -13.56 -15.99 -2.65
C GLU A 173 -14.54 -15.03 -1.98
N ALA A 174 -14.02 -14.07 -1.22
CA ALA A 174 -14.86 -13.10 -0.46
C ALA A 174 -15.68 -12.26 -1.43
N LEU A 175 -15.11 -11.94 -2.57
CA LEU A 175 -15.84 -11.17 -3.60
C LEU A 175 -16.93 -12.02 -4.25
N GLN A 176 -16.60 -13.26 -4.59
CA GLN A 176 -17.58 -14.23 -5.13
C GLN A 176 -18.71 -14.43 -4.12
N ASP A 177 -18.39 -15.03 -3.00
CA ASP A 177 -19.40 -15.55 -2.05
C ASP A 177 -20.30 -14.41 -1.59
N LEU A 178 -19.70 -13.36 -1.03
CA LEU A 178 -20.46 -12.18 -0.60
C LEU A 178 -20.76 -11.36 -1.85
N GLY A 179 -21.68 -11.88 -2.67
CA GLY A 179 -22.05 -11.49 -4.06
C GLY A 179 -21.62 -10.13 -4.63
N LEU A 180 -20.84 -10.17 -5.71
CA LEU A 180 -20.40 -8.99 -6.50
C LEU A 180 -20.79 -9.26 -7.96
N ALA B 4 8.82 3.34 -21.99
CA ALA B 4 9.31 4.75 -21.85
C ALA B 4 10.77 4.92 -22.34
N ARG B 5 11.21 6.17 -22.51
CA ARG B 5 12.53 6.51 -23.12
C ARG B 5 13.04 7.90 -22.69
N ARG B 6 14.28 7.98 -22.20
CA ARG B 6 14.82 9.20 -21.53
C ARG B 6 14.97 10.43 -22.44
N LEU B 7 14.93 11.61 -21.81
CA LEU B 7 15.09 12.93 -22.48
C LEU B 7 15.62 13.98 -21.50
N GLU B 8 16.23 15.04 -22.03
CA GLU B 8 16.69 16.19 -21.21
C GLU B 8 15.48 17.03 -20.85
N LEU B 9 15.61 17.82 -19.79
CA LEU B 9 14.50 18.63 -19.27
C LEU B 9 14.15 19.74 -20.26
N GLY B 10 15.14 20.51 -20.69
CA GLY B 10 14.93 21.59 -21.67
C GLY B 10 14.40 21.02 -22.96
N GLU B 11 15.06 20.01 -23.49
CA GLU B 11 14.63 19.26 -24.68
C GLU B 11 13.13 18.98 -24.55
N ALA B 12 12.73 18.42 -23.41
CA ALA B 12 11.30 18.10 -23.10
C ALA B 12 10.41 19.33 -22.88
N LEU B 13 10.95 20.44 -22.37
CA LEU B 13 10.20 21.73 -22.31
C LEU B 13 10.04 22.33 -23.71
N ALA B 14 10.99 22.08 -24.61
CA ALA B 14 10.89 22.48 -26.02
C ALA B 14 10.01 21.49 -26.75
N LEU B 15 8.68 21.65 -26.66
CA LEU B 15 7.74 20.73 -27.30
C LEU B 15 6.41 21.42 -27.60
N GLY B 16 5.70 20.84 -28.56
CA GLY B 16 4.45 21.41 -29.09
C GLY B 16 3.28 21.28 -28.14
N SER B 17 2.19 21.94 -28.51
CA SER B 17 0.96 22.09 -27.68
C SER B 17 0.27 20.74 -27.40
N GLY B 18 0.42 19.75 -28.28
CA GLY B 18 -0.21 18.43 -28.13
C GLY B 18 0.38 17.59 -27.00
N TRP B 19 1.61 17.92 -26.59
CA TRP B 19 2.31 17.26 -25.45
C TRP B 19 1.76 17.73 -24.10
N ARG B 20 1.66 16.79 -23.17
CA ARG B 20 1.32 17.07 -21.76
C ARG B 20 2.50 16.62 -20.89
N HIS B 21 2.68 17.29 -19.77
CA HIS B 21 3.76 16.98 -18.80
C HIS B 21 3.15 16.54 -17.47
N VAL B 22 3.88 15.66 -16.82
CA VAL B 22 3.43 15.06 -15.54
C VAL B 22 4.63 14.97 -14.61
N CYS B 23 4.40 15.25 -13.33
CA CYS B 23 5.47 15.30 -12.31
C CYS B 23 5.14 14.38 -11.16
N HIS B 24 6.15 13.66 -10.68
CA HIS B 24 6.07 12.82 -9.45
C HIS B 24 7.35 12.90 -8.63
N ALA B 25 7.24 12.80 -7.31
CA ALA B 25 8.40 12.96 -6.39
C ALA B 25 8.55 11.81 -5.40
N LEU B 26 9.72 11.19 -5.41
CA LEU B 26 10.11 10.24 -4.34
C LEU B 26 10.47 11.02 -3.08
N LEU B 27 9.62 10.94 -2.06
CA LEU B 27 9.89 11.52 -0.72
C LEU B 27 10.66 10.52 0.11
N TYR B 28 11.59 11.00 0.93
CA TYR B 28 12.38 10.09 1.78
C TYR B 28 13.08 10.82 2.93
N ALA B 29 13.45 10.03 3.93
CA ALA B 29 13.98 10.56 5.20
C ALA B 29 14.86 9.52 5.88
N PRO B 30 15.98 9.93 6.53
CA PRO B 30 16.78 8.97 7.29
C PRO B 30 16.01 8.32 8.45
N ASP B 31 16.15 7.00 8.57
CA ASP B 31 15.43 6.19 9.58
C ASP B 31 16.42 5.35 10.39
N PRO B 32 16.64 5.65 11.69
CA PRO B 32 17.59 4.91 12.50
C PRO B 32 17.02 3.62 13.10
N GLY B 33 15.75 3.33 12.82
CA GLY B 33 15.09 2.12 13.37
C GLY B 33 15.50 0.87 12.62
N MET B 34 15.16 -0.29 13.16
CA MET B 34 15.54 -1.58 12.54
C MET B 34 14.33 -2.52 12.55
N LEU B 35 14.17 -3.31 11.49
CA LEU B 35 13.16 -4.39 11.46
C LEU B 35 13.53 -5.52 12.44
N PHE B 36 12.68 -5.74 13.43
CA PHE B 36 12.85 -6.73 14.54
C PHE B 36 13.95 -6.34 15.55
N GLY B 37 14.44 -5.11 15.51
CA GLY B 37 15.63 -4.70 16.28
C GLY B 37 16.90 -5.32 15.76
N ARG B 38 16.89 -5.76 14.50
CA ARG B 38 18.06 -6.45 13.89
C ARG B 38 18.37 -5.93 12.49
N ILE B 39 17.37 -5.80 11.61
CA ILE B 39 17.61 -5.35 10.20
C ILE B 39 17.42 -3.85 10.07
N PRO B 40 18.53 -3.07 9.94
CA PRO B 40 18.51 -1.60 9.93
C PRO B 40 17.62 -0.65 9.10
N LEU B 41 16.61 -1.08 8.34
CA LEU B 41 15.65 -0.15 7.63
C LEU B 41 16.29 0.89 6.69
N ARG B 42 17.03 1.88 7.21
CA ARG B 42 17.84 2.96 6.55
C ARG B 42 16.99 4.20 6.29
N TYR B 43 16.13 4.16 5.28
CA TYR B 43 15.22 5.28 4.95
C TYR B 43 13.77 4.81 4.84
N ALA B 44 12.84 5.71 5.14
CA ALA B 44 11.42 5.50 4.84
C ALA B 44 11.12 6.20 3.52
N ILE B 45 10.71 5.42 2.53
CA ILE B 45 10.54 5.88 1.12
C ILE B 45 9.10 5.62 0.70
N LEU B 46 8.33 6.69 0.51
CA LEU B 46 6.88 6.56 0.25
C LEU B 46 6.52 6.36 -1.22
N MET B 47 5.72 5.32 -1.43
CA MET B 47 5.05 4.97 -2.71
C MET B 47 3.55 4.89 -2.44
N GLN B 48 2.70 4.66 -3.44
CA GLN B 48 1.26 4.58 -3.10
C GLN B 48 0.50 3.62 -4.01
N MET B 49 -0.66 3.17 -3.54
CA MET B 49 -1.54 2.26 -4.32
C MET B 49 -2.49 3.10 -5.16
N ARG B 50 -2.38 3.00 -6.47
CA ARG B 50 -3.20 3.86 -7.37
C ARG B 50 -4.59 3.25 -7.54
N PHE B 51 -5.46 3.96 -8.24
CA PHE B 51 -6.85 3.49 -8.50
C PHE B 51 -6.81 2.22 -9.34
N ASP B 52 -5.85 2.07 -10.27
CA ASP B 52 -5.75 0.89 -11.17
C ASP B 52 -5.02 -0.26 -10.49
N GLY B 53 -4.52 -0.06 -9.27
CA GLY B 53 -3.83 -1.16 -8.55
C GLY B 53 -2.39 -1.24 -9.00
N ARG B 54 -1.90 -0.20 -9.70
CA ARG B 54 -0.49 -0.09 -10.10
C ARG B 54 0.22 0.72 -9.03
N LEU B 55 1.40 0.29 -8.59
CA LEU B 55 2.19 1.02 -7.56
C LEU B 55 2.87 2.21 -8.22
N GLY B 56 2.78 3.40 -7.61
CA GLY B 56 3.39 4.61 -8.18
C GLY B 56 3.80 5.62 -7.12
N PHE B 57 4.22 6.81 -7.55
CA PHE B 57 4.71 7.91 -6.68
C PHE B 57 3.72 9.07 -6.69
N PRO B 58 3.62 9.85 -5.60
CA PRO B 58 2.71 10.99 -5.56
C PRO B 58 2.99 11.98 -6.69
N GLY B 59 1.95 12.44 -7.36
CA GLY B 59 2.10 13.43 -8.43
C GLY B 59 1.13 13.29 -9.58
N GLY B 60 1.08 14.32 -10.40
CA GLY B 60 0.13 14.36 -11.50
C GLY B 60 0.42 15.41 -12.53
N PHE B 61 -0.51 15.53 -13.47
CA PHE B 61 -0.40 16.39 -14.65
C PHE B 61 -0.19 17.82 -14.21
N VAL B 62 0.57 18.53 -15.02
CA VAL B 62 0.96 19.93 -14.72
C VAL B 62 -0.21 20.84 -15.07
N ASP B 63 -0.57 20.79 -16.34
CA ASP B 63 -1.66 21.61 -16.91
C ASP B 63 -1.34 23.11 -16.87
N THR B 64 -1.92 23.84 -17.81
CA THR B 64 -1.82 25.31 -17.89
C THR B 64 -2.85 25.96 -16.95
N GLN B 65 -2.34 26.64 -15.92
CA GLN B 65 -3.08 27.20 -14.75
C GLN B 65 -2.11 27.23 -13.57
N ASP B 66 -1.21 26.25 -13.50
CA ASP B 66 0.00 26.32 -12.65
C ASP B 66 1.14 27.04 -13.35
N ARG B 67 1.89 27.81 -12.56
CA ARG B 67 2.91 28.77 -13.07
C ARG B 67 4.15 27.99 -13.51
N SER B 68 4.39 26.82 -12.93
CA SER B 68 5.60 26.02 -13.26
C SER B 68 5.28 24.53 -13.17
N LEU B 69 6.30 23.74 -13.46
CA LEU B 69 6.23 22.26 -13.26
C LEU B 69 6.24 22.01 -11.77
N GLU B 70 7.02 22.78 -11.03
CA GLU B 70 7.21 22.58 -9.58
C GLU B 70 5.88 22.84 -8.91
N ASP B 71 5.24 23.96 -9.23
CA ASP B 71 3.91 24.29 -8.66
C ASP B 71 2.94 23.15 -8.90
N GLY B 72 2.87 22.68 -10.15
CA GLY B 72 1.95 21.64 -10.59
C GLY B 72 2.18 20.34 -9.86
N LEU B 73 3.45 20.03 -9.59
CA LEU B 73 3.83 18.90 -8.70
C LEU B 73 3.30 19.13 -7.29
N ASN B 74 3.68 20.25 -6.70
CA ASN B 74 3.36 20.57 -5.29
C ASN B 74 1.86 20.60 -5.02
N ARG B 75 1.09 21.14 -5.97
CA ARG B 75 -0.39 21.17 -5.88
C ARG B 75 -0.90 19.73 -5.91
N GLU B 76 -0.58 18.97 -6.95
CA GLU B 76 -0.95 17.54 -7.03
C GLU B 76 -0.53 16.82 -5.76
N LEU B 77 0.70 17.06 -5.30
CA LEU B 77 1.17 16.50 -4.00
C LEU B 77 0.26 16.84 -2.78
N ARG B 78 -0.26 18.05 -2.68
CA ARG B 78 -1.15 18.36 -1.56
C ARG B 78 -2.52 17.74 -1.77
N GLU B 79 -3.01 17.73 -3.00
CA GLU B 79 -4.25 16.97 -3.31
C GLU B 79 -4.06 15.50 -2.97
N GLU B 80 -3.05 14.86 -3.54
CA GLU B 80 -2.86 13.39 -3.38
C GLU B 80 -2.37 13.02 -1.98
N LEU B 81 -1.60 13.87 -1.29
CA LEU B 81 -1.02 13.50 0.05
C LEU B 81 -1.63 14.28 1.24
N GLY B 82 -2.45 15.28 1.00
CA GLY B 82 -2.97 16.11 2.11
C GLY B 82 -2.08 17.28 2.50
N GLU B 83 -2.53 18.04 3.48
CA GLU B 83 -1.91 19.35 3.84
C GLU B 83 -0.54 19.22 4.53
N ALA B 84 -0.05 18.03 4.84
CA ALA B 84 1.30 17.83 5.42
C ALA B 84 2.44 18.02 4.41
N ALA B 85 2.14 18.00 3.12
CA ALA B 85 3.10 18.32 2.03
C ALA B 85 3.41 19.82 1.99
N ALA B 86 2.56 20.67 2.56
CA ALA B 86 2.79 22.14 2.71
C ALA B 86 3.90 22.49 3.72
N ALA B 87 4.30 21.54 4.54
CA ALA B 87 5.47 21.67 5.43
C ALA B 87 6.79 21.88 4.66
N PHE B 88 6.86 21.39 3.44
CA PHE B 88 8.02 21.62 2.55
C PHE B 88 7.54 21.93 1.12
N ARG B 89 8.50 22.07 0.20
CA ARG B 89 8.20 22.39 -1.21
C ARG B 89 9.31 21.81 -2.08
N VAL B 90 8.92 20.95 -3.00
CA VAL B 90 9.88 20.20 -3.87
C VAL B 90 10.28 21.07 -5.07
N GLU B 91 11.45 21.70 -4.94
CA GLU B 91 11.96 22.72 -5.90
C GLU B 91 12.62 22.07 -7.10
N ARG B 92 13.02 22.90 -8.06
CA ARG B 92 13.78 22.46 -9.27
C ARG B 92 15.10 21.76 -8.92
N THR B 93 15.72 22.09 -7.78
CA THR B 93 16.95 21.43 -7.28
C THR B 93 16.67 20.01 -6.76
N ASP B 94 15.40 19.63 -6.64
CA ASP B 94 14.99 18.24 -6.30
C ASP B 94 14.62 17.40 -7.52
N TYR B 95 14.68 17.97 -8.73
CA TYR B 95 14.41 17.26 -10.02
C TYR B 95 15.43 16.16 -10.23
N ARG B 96 15.02 15.12 -10.93
CA ARG B 96 15.90 13.99 -11.28
C ARG B 96 15.95 13.77 -12.80
N SER B 97 14.84 13.38 -13.41
CA SER B 97 14.86 12.90 -14.80
C SER B 97 13.54 13.06 -15.52
N SER B 98 13.61 12.99 -16.84
CA SER B 98 12.45 13.11 -17.74
C SER B 98 12.38 11.91 -18.70
N HIS B 99 11.32 11.11 -18.58
CA HIS B 99 11.01 9.96 -19.50
C HIS B 99 9.76 10.23 -20.33
N VAL B 100 9.69 9.56 -21.47
CA VAL B 100 8.48 9.50 -22.32
C VAL B 100 7.84 8.11 -22.17
N PRO B 104 0.78 7.33 -24.98
CA PRO B 104 0.16 8.60 -25.32
C PRO B 104 1.14 9.76 -25.16
N ARG B 105 0.79 10.94 -25.72
CA ARG B 105 1.75 12.07 -25.89
C ARG B 105 2.03 12.78 -24.56
N VAL B 106 2.83 12.14 -23.72
CA VAL B 106 3.19 12.66 -22.38
C VAL B 106 4.68 12.45 -22.15
N VAL B 107 5.29 13.36 -21.40
CA VAL B 107 6.71 13.23 -20.96
C VAL B 107 6.75 13.43 -19.45
N ALA B 108 7.20 12.40 -18.74
CA ALA B 108 7.05 12.31 -17.27
C ALA B 108 8.35 12.72 -16.56
N HIS B 109 8.22 13.62 -15.61
CA HIS B 109 9.34 14.10 -14.78
C HIS B 109 9.29 13.44 -13.41
N PHE B 110 10.47 13.12 -12.90
CA PHE B 110 10.67 12.46 -11.60
C PHE B 110 11.54 13.31 -10.71
N TYR B 111 11.21 13.30 -9.42
CA TYR B 111 11.91 14.10 -8.40
C TYR B 111 12.31 13.23 -7.24
N ALA B 112 13.24 13.71 -6.44
CA ALA B 112 13.62 13.07 -5.17
C ALA B 112 13.78 14.16 -4.10
N LYS B 113 12.98 14.10 -3.04
CA LYS B 113 13.06 15.14 -1.96
C LYS B 113 13.42 14.50 -0.63
N ARG B 114 14.55 14.86 -0.06
CA ARG B 114 14.99 14.33 1.25
C ARG B 114 14.34 15.18 2.34
N LEU B 115 13.59 14.57 3.25
CA LEU B 115 12.95 15.31 4.38
C LEU B 115 13.48 14.78 5.70
N THR B 116 13.03 15.38 6.80
CA THR B 116 13.29 14.82 8.14
C THR B 116 12.47 13.56 8.30
N LEU B 117 12.79 12.79 9.31
CA LEU B 117 12.02 11.57 9.64
C LEU B 117 10.66 11.97 10.17
N GLU B 118 10.66 13.05 10.95
CA GLU B 118 9.45 13.57 11.63
C GLU B 118 8.49 14.20 10.61
N GLU B 119 9.02 14.89 9.59
CA GLU B 119 8.21 15.45 8.48
C GLU B 119 7.55 14.29 7.72
N LEU B 120 8.33 13.30 7.33
CA LEU B 120 7.81 12.16 6.53
C LEU B 120 6.79 11.33 7.32
N LEU B 121 7.00 11.22 8.63
CA LEU B 121 6.06 10.51 9.52
C LEU B 121 4.77 11.32 9.68
N ALA B 122 4.90 12.63 9.89
CA ALA B 122 3.74 13.56 9.92
C ALA B 122 2.96 13.52 8.59
N VAL B 123 3.65 13.32 7.47
CA VAL B 123 3.04 13.24 6.11
C VAL B 123 2.11 12.02 5.96
N GLU B 124 2.47 10.88 6.55
CA GLU B 124 1.67 9.64 6.48
C GLU B 124 0.36 9.81 7.25
N ALA B 125 0.39 10.42 8.45
CA ALA B 125 -0.78 10.55 9.35
C ALA B 125 -1.90 11.32 8.65
N GLY B 126 -1.59 12.48 8.06
CA GLY B 126 -2.57 13.31 7.35
C GLY B 126 -2.98 12.75 6.00
N ALA B 127 -2.31 11.74 5.46
CA ALA B 127 -2.52 11.29 4.06
C ALA B 127 -3.84 10.58 3.83
N THR B 128 -4.60 10.29 4.88
CA THR B 128 -6.00 9.80 4.80
C THR B 128 -7.00 10.96 4.69
N ARG B 129 -6.65 12.13 5.21
CA ARG B 129 -7.48 13.36 5.08
C ARG B 129 -7.27 14.05 3.73
N ALA B 130 -6.36 13.55 2.89
CA ALA B 130 -6.12 14.08 1.54
C ALA B 130 -7.35 13.96 0.63
N LYS B 131 -7.47 14.91 -0.29
CA LYS B 131 -8.62 15.05 -1.21
C LYS B 131 -8.73 13.82 -2.10
N ASP B 132 -7.63 13.25 -2.54
CA ASP B 132 -7.67 12.08 -3.46
C ASP B 132 -7.65 10.73 -2.72
N HIS B 133 -7.68 10.73 -1.40
CA HIS B 133 -7.73 9.47 -0.63
C HIS B 133 -9.07 8.75 -0.79
N GLY B 134 -9.00 7.49 -1.18
CA GLY B 134 -10.19 6.70 -1.54
C GLY B 134 -10.44 6.73 -3.03
N LEU B 135 -10.21 7.89 -3.64
CA LEU B 135 -10.60 8.12 -5.04
C LEU B 135 -9.38 7.85 -5.94
N GLU B 136 -8.53 8.86 -6.15
CA GLU B 136 -7.32 8.72 -6.99
C GLU B 136 -6.38 7.75 -6.31
N VAL B 137 -5.94 8.11 -5.11
CA VAL B 137 -4.97 7.30 -4.31
C VAL B 137 -5.75 6.41 -3.36
N LEU B 138 -5.28 5.17 -3.21
CA LEU B 138 -5.92 4.13 -2.36
C LEU B 138 -5.03 3.87 -1.14
N GLY B 139 -4.01 4.69 -0.91
CA GLY B 139 -3.22 4.51 0.32
C GLY B 139 -1.75 4.64 0.09
N LEU B 140 -1.00 4.84 1.16
CA LEU B 140 0.47 5.03 1.10
C LEU B 140 1.16 3.78 1.61
N VAL B 141 2.42 3.63 1.26
CA VAL B 141 3.27 2.48 1.71
C VAL B 141 4.72 2.93 1.74
N ARG B 142 5.57 2.12 2.35
CA ARG B 142 7.01 2.35 2.43
C ARG B 142 7.69 1.24 1.67
N VAL B 143 8.75 1.57 0.97
CA VAL B 143 9.52 0.54 0.23
C VAL B 143 10.41 -0.15 1.26
N PRO B 144 10.39 -1.49 1.36
CA PRO B 144 11.42 -2.16 2.15
C PRO B 144 12.73 -2.11 1.35
N LEU B 145 13.84 -1.76 1.99
CA LEU B 145 15.14 -1.61 1.30
C LEU B 145 16.03 -2.82 1.57
N TYR B 146 16.01 -3.29 2.79
CA TYR B 146 16.47 -4.64 3.18
C TYR B 146 15.99 -5.77 2.24
N THR B 147 16.74 -6.88 2.28
CA THR B 147 16.35 -8.19 1.69
C THR B 147 16.43 -9.24 2.82
N LEU B 148 15.41 -10.08 2.95
CA LEU B 148 15.35 -11.02 4.09
C LEU B 148 16.28 -12.20 3.89
N ARG B 149 16.56 -12.87 4.99
CA ARG B 149 17.55 -13.96 5.05
C ARG B 149 17.15 -15.13 4.13
N ASP B 150 15.85 -15.32 3.93
CA ASP B 150 15.36 -16.25 2.88
C ASP B 150 15.93 -15.89 1.51
N GLY B 151 16.12 -14.59 1.24
CA GLY B 151 16.80 -14.11 0.03
C GLY B 151 15.84 -13.56 -0.99
N VAL B 152 14.63 -14.11 -1.05
CA VAL B 152 13.57 -13.63 -1.97
C VAL B 152 12.87 -12.43 -1.35
N GLY B 153 12.57 -12.49 -0.04
CA GLY B 153 11.67 -11.57 0.69
C GLY B 153 11.80 -10.09 0.39
N GLY B 154 11.70 -9.27 1.41
CA GLY B 154 12.14 -7.85 1.37
C GLY B 154 11.88 -7.07 0.09
N LEU B 155 12.87 -6.27 -0.32
CA LEU B 155 12.76 -5.34 -1.47
C LEU B 155 12.57 -6.09 -2.79
N PRO B 156 13.36 -7.12 -3.10
CA PRO B 156 13.23 -7.88 -4.34
C PRO B 156 11.79 -8.33 -4.58
N THR B 157 11.10 -8.85 -3.57
CA THR B 157 9.69 -9.33 -3.70
C THR B 157 8.72 -8.17 -3.81
N PHE B 158 9.13 -6.98 -3.41
CA PHE B 158 8.30 -5.74 -3.51
C PHE B 158 8.38 -5.22 -4.94
N LEU B 159 9.44 -5.58 -5.64
CA LEU B 159 9.72 -5.16 -7.04
C LEU B 159 8.99 -6.09 -8.02
N GLU B 160 8.36 -7.16 -7.52
CA GLU B 160 7.56 -8.14 -8.32
C GLU B 160 6.18 -7.56 -8.61
N ASN B 161 5.80 -6.50 -7.88
CA ASN B 161 4.49 -5.80 -8.00
C ASN B 161 4.39 -5.11 -9.35
N SER B 162 3.17 -4.79 -9.79
CA SER B 162 3.00 -4.15 -11.11
C SER B 162 3.02 -2.64 -10.92
N PHE B 163 3.94 -1.96 -11.60
CA PHE B 163 4.13 -0.51 -11.45
C PHE B 163 3.53 0.25 -12.63
N ILE B 164 3.51 1.57 -12.47
CA ILE B 164 2.99 2.51 -13.50
C ILE B 164 4.17 3.16 -14.21
N GLY B 165 4.08 3.21 -15.54
CA GLY B 165 5.08 3.81 -16.45
C GLY B 165 6.50 3.35 -16.23
N SER B 166 7.26 4.11 -15.44
CA SER B 166 8.70 3.92 -15.20
C SER B 166 9.07 4.12 -13.72
N ALA B 167 8.11 4.00 -12.80
CA ALA B 167 8.38 4.26 -11.36
C ALA B 167 9.45 3.29 -10.87
N ARG B 168 9.39 2.04 -11.35
CA ARG B 168 10.38 1.01 -10.99
C ARG B 168 11.76 1.53 -11.35
N GLU B 169 11.95 1.87 -12.62
CA GLU B 169 13.24 2.39 -13.17
C GLU B 169 13.65 3.54 -12.27
N GLN B 170 12.71 4.42 -11.97
CA GLN B 170 12.95 5.66 -11.19
C GLN B 170 13.29 5.38 -9.72
N LEU B 171 12.70 4.33 -9.17
CA LEU B 171 13.08 3.85 -7.83
C LEU B 171 14.51 3.32 -7.90
N LEU B 172 14.76 2.30 -8.72
CA LEU B 172 16.10 1.68 -8.87
C LEU B 172 17.13 2.76 -9.14
N GLU B 173 16.75 3.78 -9.91
CA GLU B 173 17.64 4.92 -10.22
C GLU B 173 17.89 5.63 -8.90
N ALA B 174 16.82 6.01 -8.22
CA ALA B 174 16.93 6.81 -6.99
C ALA B 174 17.60 6.06 -5.85
N LEU B 175 17.58 4.73 -5.83
CA LEU B 175 18.22 3.99 -4.72
C LEU B 175 19.74 4.07 -4.84
N GLN B 176 20.29 3.68 -5.98
CA GLN B 176 21.76 3.80 -6.19
C GLN B 176 22.23 5.26 -6.19
N ASP B 177 21.53 6.16 -6.90
CA ASP B 177 22.04 7.50 -7.32
C ASP B 177 22.38 8.46 -6.19
N LEU B 178 21.73 8.38 -5.03
CA LEU B 178 22.19 9.18 -3.86
C LEU B 178 22.72 8.23 -2.77
N GLY B 179 23.22 7.07 -3.19
CA GLY B 179 23.81 6.10 -2.27
C GLY B 179 22.82 5.57 -1.27
N LEU B 180 21.59 5.34 -1.71
CA LEU B 180 20.60 4.61 -0.87
C LEU B 180 20.82 3.08 -1.08
N LEU B 181 21.60 2.73 -2.10
CA LEU B 181 22.13 1.36 -2.33
C LEU B 181 23.67 1.39 -2.29
N C7G C . -2.07 -17.80 3.69
C C7G C . -0.97 -18.46 4.10
O C7G C . 1.83 -16.30 7.79
O22 C7G C . 8.06 -18.33 14.21
P3 C7G C . 8.59 -18.35 15.62
O20 C7G C . 9.18 -19.71 15.95
O21 C7G C . 7.40 -18.05 16.51
O19 C7G C . 9.74 -17.22 15.82
P2 C7G C . 11.34 -17.50 15.82
O17 C7G C . 11.63 -18.80 15.10
O18 C7G C . 11.90 -17.56 17.21
O16 C7G C . 12.06 -16.28 15.04
C24 C7G C . 12.75 -15.18 15.66
C23 C7G C . 13.04 -14.07 14.63
O14 C7G C . 13.30 -14.65 13.33
C20 C7G C . 12.13 -14.57 12.49
N8 C7G C . 12.52 -14.63 11.04
C16 C7G C . 12.44 -15.74 10.28
N6 C7G C . 12.02 -17.02 10.49
C15 C7G C . 12.04 -17.95 9.51
C19 C7G C . 13.02 -13.65 10.25
N9 C7G C . 13.28 -14.09 8.98
C17 C7G C . 12.93 -15.39 8.94
C18 C7G C . 12.94 -16.46 7.93
N7 C7G C . 13.38 -16.23 6.68
N5 C7G C . 12.48 -17.68 8.28
C22 C7G C . 11.94 -13.02 14.38
O15 C7G C . 10.92 -12.99 15.41
C21 C7G C . 11.37 -13.33 12.99
O13 C7G C . 9.97 -13.59 13.06
C12 C7G C . 9.20 -13.22 11.92
O10 C7G C . 7.92 -12.78 12.34
C13 C7G C . 9.00 -14.39 10.95
O12 C7G C . 9.40 -15.66 11.47
C14 C7G C . 7.52 -14.43 10.69
O11 C7G C . 7.30 -13.90 9.35
C11 C7G C . 6.91 -13.65 11.86
C10 C7G C . 5.66 -12.88 11.46
O8 C7G C . 4.76 -12.66 12.55
P1 C7G C . 3.15 -12.46 12.41
O7 C7G C . 2.75 -11.01 12.27
O9 C7G C . 2.56 -13.01 13.66
O6 C7G C . 2.51 -13.30 11.19
P C7G C . 2.68 -12.96 9.60
O4 C7G C . 3.61 -11.77 9.51
O5 C7G C . 1.35 -12.56 9.00
O3 C7G C . 3.27 -14.14 8.73
C9 C7G C . 3.65 -15.46 9.21
C8 C7G C . 3.15 -16.58 8.28
C7 C7G C . 4.00 -16.83 7.00
O2 C7G C . 5.00 -15.82 6.74
C6 C7G C . 2.97 -16.87 5.86
O1 C7G C . 3.51 -16.49 4.58
C5 C7G C . 1.98 -15.87 6.42
N3 C7G C . 0.69 -15.67 5.76
C1 C7G C . -0.07 -16.53 5.12
N1 C7G C . 0.02 -17.86 4.80
C4 C7G C . 0.07 -14.48 5.75
N4 C7G C . -1.13 -14.51 5.11
C2 C7G C . -1.25 -15.77 4.70
C3 C7G C . -2.28 -16.49 3.96
N2 C7G C . -3.39 -15.80 3.55
MG MG D . 1.40 -9.66 9.66
MG MG E . 2.04 -8.95 13.67
CL CL F . 5.00 -7.61 23.14
NA NA G . 3.41 -11.34 16.45
N C7G H . 6.03 7.30 -15.58
C C7G H . 5.18 7.57 -16.59
O C7G H . 0.59 9.74 -15.00
O22 C7G H . -7.88 4.42 -18.67
P3 C7G H . -8.23 5.19 -19.91
O20 C7G H . -8.81 4.32 -21.01
O21 C7G H . -7.07 5.96 -20.48
O19 C7G H . -9.38 6.20 -19.50
P2 C7G H . -9.97 7.03 -20.73
O17 C7G H . -10.90 6.12 -21.49
O18 C7G H . -8.82 7.45 -21.60
O16 C7G H . -10.77 8.33 -20.23
C24 C7G H . -10.60 8.88 -18.94
C23 C7G H . -9.19 8.65 -18.40
O14 C7G H . -8.27 9.68 -18.79
C20 C7G H . -7.18 9.58 -17.88
N8 C7G H . -6.40 8.33 -18.11
C16 C7G H . -5.25 8.17 -18.76
N6 C7G H . -4.38 8.99 -19.41
C15 C7G H . -3.27 8.52 -20.00
C19 C7G H . -6.78 7.12 -17.65
N9 C7G H . -5.91 6.16 -18.00
C17 C7G H . -4.92 6.74 -18.68
C18 C7G H . -3.69 6.28 -19.35
N7 C7G H . -3.31 4.99 -19.34
N5 C7G H . -2.93 7.22 -19.96
C22 C7G H . -9.12 8.60 -16.87
O15 C7G H . -10.30 9.18 -16.31
C21 C7G H . -7.87 9.37 -16.55
O13 C7G H . -8.15 10.63 -15.94
C12 C7G H . -6.99 11.41 -15.67
O10 C7G H . -5.84 10.59 -15.39
C13 C7G H . -7.24 12.26 -14.44
O12 C7G H . -8.62 12.48 -14.16
C14 C7G H . -6.56 11.49 -13.33
O11 C7G H . -5.99 12.39 -12.38
C11 C7G H . -5.50 10.63 -14.02
C10 C7G H . -4.15 11.27 -13.84
O8 C7G H . -4.09 11.51 -12.45
P1 C7G H . -3.15 12.55 -11.74
O7 C7G H . -3.63 12.76 -10.33
O9 C7G H . -3.25 13.78 -12.56
O6 C7G H . -1.70 11.89 -11.69
P C7G H . -1.34 10.80 -12.78
O4 C7G H . -2.28 9.65 -12.62
O5 C7G H . 0.03 10.30 -12.58
O3 C7G H . -1.43 11.41 -14.26
C9 C7G H . -1.56 10.59 -15.43
C8 C7G H . -0.21 10.27 -16.04
C7 C7G H . -0.27 9.22 -17.11
O2 C7G H . -1.43 8.44 -16.92
C6 C7G H . 0.93 8.37 -16.82
O1 C7G H . 0.75 7.03 -17.28
C5 C7G H . 0.90 8.41 -15.33
N3 C7G H . 2.17 8.08 -14.66
C1 C7G H . 3.36 7.86 -15.17
N1 C7G H . 3.88 7.84 -16.41
C4 C7G H . 2.25 7.96 -13.32
N4 C7G H . 3.48 7.65 -12.92
C2 C7G H . 4.24 7.56 -14.02
C3 C7G H . 5.65 7.28 -14.29
N2 C7G H . 6.49 7.03 -13.27
MG MG I . -4.84 16.18 -11.92
MG MG J . -4.58 13.86 -8.57
NA NA K . 19.20 2.49 9.59
#